data_4GS5
#
_entry.id   4GS5
#
_cell.length_a   67.148
_cell.length_b   67.148
_cell.length_c   176.257
_cell.angle_alpha   90.00
_cell.angle_beta   90.00
_cell.angle_gamma   90.00
#
_symmetry.space_group_name_H-M   'P 43 2 2'
#
loop_
_entity.id
_entity.type
_entity.pdbx_description
1 polymer 'Acyl-CoA synthetase (AMP-forming)/AMP-acid ligase II-like protein'
2 non-polymer 'IODIDE ION'
3 non-polymer 1,2-ETHANEDIOL
4 water water
#
_entity_poly.entity_id   1
_entity_poly.type   'polypeptide(L)'
_entity_poly.pdbx_seq_one_letter_code
;SNA(MSE)IWTTGKTLCKTQKRPRNPYFAQAYDF(MSE)EKWLGGAREFVLHTSGSTG(MSE)PKPITVTRAQLAASAA
(MSE)TGKALSLGPGTRALVCLNVGYIAGL(MSE)(MSE)LVRG(MSE)ELDWELTVTEPTANPLAGLDHADFDFVA
(MSE)VP(MSE)QLQSILENSATSGQVDRLGKVLLGGAPVNHALA(MSE)QISDLA(MSE)PVYQSYG(MSE)TETVSHV
ALKALNGPEASELYVFLPGIQYGVDERGCLHISGAVTNGQTVQTNDLVEIHGNAFQWIGRADNVINSGGVKIVLDQIDQR
IAAVFHHLNIGNAFFCWWEPDAKLGQKLVLVIENA(MSE)PEALTERLTAEIRSRVSTYENPKHIYFAKAFAKTQTDKID
KRATFQKLSDSSNG
;
_entity_poly.pdbx_strand_id   A
#
loop_
_chem_comp.id
_chem_comp.type
_chem_comp.name
_chem_comp.formula
EDO non-polymer 1,2-ETHANEDIOL 'C2 H6 O2'
IOD non-polymer 'IODIDE ION' 'I -1'
#
# COMPACT_ATOMS: atom_id res chain seq x y z
N MSE A 4 16.07 -11.81 24.92
CA MSE A 4 15.40 -10.90 23.99
C MSE A 4 14.84 -11.62 22.75
O MSE A 4 14.39 -10.96 21.80
CB MSE A 4 16.32 -9.76 23.56
CG MSE A 4 16.00 -8.45 24.29
SE MSE A 4 16.04 -8.70 26.23
CE MSE A 4 14.88 -7.23 26.78
N ILE A 5 14.87 -12.95 22.77
CA ILE A 5 14.24 -13.76 21.73
C ILE A 5 13.62 -15.03 22.29
N TRP A 6 12.45 -15.39 21.76
CA TRP A 6 11.82 -16.67 22.11
C TRP A 6 11.71 -17.54 20.87
N THR A 7 12.27 -18.75 20.93
CA THR A 7 12.28 -19.65 19.78
C THR A 7 11.15 -20.66 19.87
N THR A 8 10.38 -20.81 18.80
CA THR A 8 9.21 -21.68 18.82
C THR A 8 8.91 -22.33 17.48
N GLY A 9 7.85 -23.12 17.46
CA GLY A 9 7.49 -23.92 16.30
C GLY A 9 6.27 -24.75 16.61
N LYS A 10 5.74 -25.42 15.58
CA LYS A 10 4.56 -26.25 15.74
C LYS A 10 4.80 -27.33 16.78
N THR A 11 5.83 -28.14 16.57
CA THR A 11 6.08 -29.22 17.52
C THR A 11 6.72 -28.68 18.80
N LEU A 12 7.54 -27.66 18.68
CA LEU A 12 8.21 -27.12 19.87
C LEU A 12 7.20 -26.47 20.83
N CYS A 13 6.04 -26.06 20.29
CA CYS A 13 5.01 -25.42 21.10
C CYS A 13 4.31 -26.44 22.01
N LYS A 14 4.41 -27.71 21.67
CA LYS A 14 3.70 -28.77 22.41
C LYS A 14 4.28 -29.08 23.79
N THR A 15 5.58 -28.83 23.96
CA THR A 15 6.28 -29.17 25.20
C THR A 15 6.70 -27.92 25.94
N GLN A 16 6.83 -26.86 25.17
CA GLN A 16 7.31 -25.57 25.66
C GLN A 16 6.44 -25.03 26.76
N LYS A 17 7.09 -24.41 27.76
CA LYS A 17 6.36 -23.72 28.82
C LYS A 17 5.90 -22.35 28.33
N ARG A 18 4.89 -21.78 28.98
CA ARG A 18 4.42 -20.45 28.63
C ARG A 18 5.42 -19.40 29.09
N PRO A 19 5.92 -18.58 28.16
CA PRO A 19 6.90 -17.54 28.51
C PRO A 19 6.48 -16.73 29.72
N ARG A 20 7.45 -16.23 30.47
CA ARG A 20 7.17 -15.32 31.58
C ARG A 20 7.08 -13.89 31.05
N ASN A 21 7.82 -13.61 29.98
CA ASN A 21 7.69 -12.33 29.29
C ASN A 21 6.28 -12.23 28.71
N PRO A 22 5.55 -11.17 29.08
CA PRO A 22 4.15 -11.02 28.66
C PRO A 22 4.03 -10.88 27.14
N TYR A 23 4.97 -10.18 26.53
CA TYR A 23 4.91 -9.98 25.08
C TYR A 23 4.91 -11.34 24.36
N PHE A 24 5.86 -12.19 24.71
CA PHE A 24 6.00 -13.50 24.11
C PHE A 24 4.84 -14.44 24.44
N ALA A 25 4.21 -14.20 25.58
CA ALA A 25 3.09 -15.03 26.01
C ALA A 25 1.87 -14.76 25.13
N GLN A 26 1.79 -13.56 24.54
CA GLN A 26 0.77 -13.27 23.55
C GLN A 26 0.90 -14.27 22.41
N ALA A 27 2.13 -14.48 21.96
CA ALA A 27 2.38 -15.39 20.86
C ALA A 27 1.99 -16.83 21.25
N TYR A 28 2.48 -17.25 22.40
CA TYR A 28 2.22 -18.59 22.87
C TYR A 28 0.71 -18.85 22.98
N ASP A 29 -0.02 -17.90 23.55
CA ASP A 29 -1.47 -18.00 23.69
C ASP A 29 -2.19 -18.14 22.35
N PHE A 30 -1.82 -17.30 21.40
CA PHE A 30 -2.39 -17.42 20.08
C PHE A 30 -2.09 -18.79 19.50
N MSE A 31 -0.83 -19.22 19.56
CA MSE A 31 -0.46 -20.51 19.00
C MSE A 31 -1.22 -21.67 19.65
O MSE A 31 -1.72 -22.57 18.94
CB MSE A 31 1.05 -20.72 19.09
CG MSE A 31 1.81 -19.76 18.20
SE MSE A 31 3.70 -19.81 18.54
CE MSE A 31 4.13 -21.41 17.51
N GLU A 32 -1.29 -21.65 20.97
CA GLU A 32 -2.03 -22.69 21.67
C GLU A 32 -3.47 -22.72 21.13
N LYS A 33 -4.07 -21.55 20.94
CA LYS A 33 -5.43 -21.49 20.42
C LYS A 33 -5.53 -22.03 18.98
N TRP A 34 -4.57 -21.63 18.14
CA TRP A 34 -4.56 -22.12 16.77
C TRP A 34 -4.53 -23.65 16.73
N LEU A 35 -3.55 -24.23 17.42
CA LEU A 35 -3.38 -25.68 17.48
C LEU A 35 -4.61 -26.40 18.04
N GLY A 36 -5.31 -25.75 18.97
CA GLY A 36 -6.48 -26.32 19.59
C GLY A 36 -7.65 -26.54 18.65
N GLY A 37 -7.68 -25.80 17.53
CA GLY A 37 -8.68 -26.03 16.51
C GLY A 37 -9.73 -24.94 16.33
N ALA A 38 -9.60 -23.85 17.08
CA ALA A 38 -10.55 -22.74 17.02
C ALA A 38 -10.93 -22.42 15.59
N ARG A 39 -12.22 -22.16 15.36
CA ARG A 39 -12.68 -21.84 14.01
C ARG A 39 -12.61 -20.34 13.72
N GLU A 40 -12.44 -19.53 14.75
CA GLU A 40 -12.27 -18.09 14.52
C GLU A 40 -11.45 -17.40 15.61
N PHE A 41 -10.99 -16.19 15.31
CA PHE A 41 -10.03 -15.48 16.14
C PHE A 41 -10.34 -14.01 16.17
N VAL A 42 -10.24 -13.43 17.36
CA VAL A 42 -10.33 -11.99 17.56
C VAL A 42 -8.90 -11.45 17.69
N LEU A 43 -8.41 -10.81 16.62
CA LEU A 43 -7.10 -10.17 16.66
C LEU A 43 -7.26 -8.64 16.70
N HIS A 44 -6.16 -7.90 16.59
CA HIS A 44 -6.21 -6.44 16.72
C HIS A 44 -5.55 -5.72 15.55
N THR A 45 -6.05 -4.53 15.24
CA THR A 45 -5.44 -3.67 14.23
C THR A 45 -5.58 -2.21 14.71
N SER A 46 -4.99 -1.27 14.00
CA SER A 46 -5.15 0.15 14.35
C SER A 46 -6.43 0.71 13.69
N GLY A 47 -7.24 1.44 14.45
CA GLY A 47 -8.42 2.09 13.88
C GLY A 47 -8.10 3.44 13.25
N SER A 48 -9.13 4.16 12.81
CA SER A 48 -8.94 5.47 12.19
C SER A 48 -8.32 6.52 13.13
N THR A 49 -8.37 6.29 14.44
CA THR A 49 -7.72 7.22 15.36
C THR A 49 -6.36 6.73 15.83
N GLY A 50 -5.85 5.68 15.20
CA GLY A 50 -4.56 5.13 15.58
C GLY A 50 -4.57 4.32 16.87
N MSE A 51 -5.76 3.99 17.38
CA MSE A 51 -5.88 3.17 18.60
C MSE A 51 -6.29 1.74 18.22
O MSE A 51 -6.85 1.52 17.15
CB MSE A 51 -6.92 3.80 19.54
CG MSE A 51 -6.64 5.28 19.83
SE MSE A 51 -4.95 5.53 20.80
CE MSE A 51 -5.56 4.89 22.45
N PRO A 52 -6.02 0.75 19.09
CA PRO A 52 -6.30 -0.65 18.74
C PRO A 52 -7.78 -0.90 18.56
N LYS A 53 -8.11 -1.82 17.66
CA LYS A 53 -9.48 -2.25 17.55
C LYS A 53 -9.53 -3.72 17.18
N PRO A 54 -10.47 -4.45 17.78
CA PRO A 54 -10.60 -5.89 17.49
C PRO A 54 -11.19 -6.15 16.12
N ILE A 55 -10.70 -7.20 15.46
CA ILE A 55 -11.35 -7.69 14.24
C ILE A 55 -11.39 -9.20 14.32
N THR A 56 -12.49 -9.80 13.87
CA THR A 56 -12.53 -11.25 13.92
C THR A 56 -12.25 -11.84 12.55
N VAL A 57 -11.44 -12.89 12.53
CA VAL A 57 -11.08 -13.55 11.28
C VAL A 57 -11.23 -15.04 11.47
N THR A 58 -11.63 -15.73 10.40
CA THR A 58 -11.89 -17.16 10.54
C THR A 58 -10.57 -17.92 10.42
N ARG A 59 -10.58 -19.16 10.90
CA ARG A 59 -9.44 -20.05 10.73
C ARG A 59 -9.15 -20.26 9.23
N ALA A 60 -10.20 -20.45 8.45
CA ALA A 60 -10.07 -20.71 7.03
C ALA A 60 -9.34 -19.57 6.30
N GLN A 61 -9.67 -18.35 6.72
CA GLN A 61 -9.05 -17.13 6.18
C GLN A 61 -7.56 -17.12 6.40
N LEU A 62 -7.17 -17.31 7.65
CA LEU A 62 -5.77 -17.31 8.05
C LEU A 62 -5.00 -18.42 7.34
N ALA A 63 -5.59 -19.61 7.26
CA ALA A 63 -4.94 -20.74 6.63
C ALA A 63 -4.72 -20.51 5.12
N ALA A 64 -5.71 -19.91 4.48
CA ALA A 64 -5.63 -19.62 3.05
C ALA A 64 -4.52 -18.62 2.80
N SER A 65 -4.45 -17.59 3.65
CA SER A 65 -3.45 -16.54 3.52
C SER A 65 -2.03 -17.06 3.68
N ALA A 66 -1.79 -17.83 4.74
CA ALA A 66 -0.54 -18.53 4.96
C ALA A 66 -0.14 -19.40 3.78
N ALA A 67 -1.06 -20.23 3.30
CA ALA A 67 -0.76 -21.07 2.13
C ALA A 67 -0.29 -20.29 0.89
N MSE A 68 -0.86 -19.11 0.65
CA MSE A 68 -0.49 -18.30 -0.51
C MSE A 68 0.95 -17.84 -0.41
O MSE A 68 1.70 -17.86 -1.38
CB MSE A 68 -1.37 -17.05 -0.61
CG MSE A 68 -2.81 -17.31 -0.97
SE MSE A 68 -3.69 -15.63 -1.30
CE MSE A 68 -3.12 -14.66 0.30
N THR A 69 1.30 -17.39 0.79
CA THR A 69 2.61 -16.85 1.06
C THR A 69 3.65 -17.92 0.84
N GLY A 70 3.38 -19.11 1.39
CA GLY A 70 4.28 -20.24 1.28
C GLY A 70 4.56 -20.65 -0.15
N LYS A 71 3.51 -20.67 -0.97
CA LYS A 71 3.64 -21.02 -2.38
C LYS A 71 4.37 -19.92 -3.16
N ALA A 72 3.88 -18.69 -3.05
CA ALA A 72 4.42 -17.57 -3.82
C ALA A 72 5.90 -17.33 -3.52
N LEU A 73 6.33 -17.54 -2.28
CA LEU A 73 7.73 -17.25 -1.95
C LEU A 73 8.57 -18.52 -1.74
N SER A 74 7.98 -19.69 -2.01
CA SER A 74 8.67 -20.97 -1.87
C SER A 74 9.30 -21.14 -0.50
N LEU A 75 8.51 -20.96 0.54
CA LEU A 75 8.98 -21.07 1.90
C LEU A 75 8.44 -22.37 2.52
N GLY A 76 9.15 -23.46 2.30
CA GLY A 76 8.67 -24.77 2.76
C GLY A 76 9.11 -25.10 4.18
N PRO A 77 8.97 -26.38 4.57
CA PRO A 77 9.35 -26.79 5.91
C PRO A 77 10.83 -26.54 6.21
N GLY A 78 11.12 -26.07 7.42
CA GLY A 78 12.49 -25.82 7.83
C GLY A 78 12.86 -24.36 7.65
N THR A 79 12.02 -23.61 6.95
CA THR A 79 12.26 -22.16 6.79
C THR A 79 12.55 -21.50 8.13
N ARG A 80 13.70 -20.83 8.23
CA ARG A 80 14.05 -20.10 9.44
C ARG A 80 13.54 -18.68 9.34
N ALA A 81 12.47 -18.38 10.09
CA ALA A 81 11.79 -17.11 9.93
C ALA A 81 12.01 -16.25 11.17
N LEU A 82 12.32 -14.97 10.96
CA LEU A 82 12.43 -14.02 12.06
C LEU A 82 11.12 -13.24 12.20
N VAL A 83 10.54 -13.26 13.39
CA VAL A 83 9.28 -12.55 13.65
C VAL A 83 9.58 -11.26 14.41
N CYS A 84 9.60 -10.12 13.71
CA CYS A 84 9.96 -8.83 14.31
C CYS A 84 8.85 -7.82 14.15
N LEU A 85 7.67 -8.29 13.74
CA LEU A 85 6.47 -7.48 13.73
C LEU A 85 5.70 -7.73 15.01
N ASN A 86 5.01 -6.70 15.48
CA ASN A 86 4.33 -6.75 16.77
C ASN A 86 3.27 -7.84 16.78
N VAL A 87 3.48 -8.88 17.61
CA VAL A 87 2.54 -9.99 17.66
C VAL A 87 1.30 -9.62 18.47
N GLY A 88 1.29 -8.42 19.02
CA GLY A 88 0.08 -7.91 19.63
C GLY A 88 -0.91 -7.56 18.53
N TYR A 89 -0.44 -7.53 17.29
CA TYR A 89 -1.27 -7.13 16.14
C TYR A 89 -1.24 -8.15 15.01
N ILE A 90 -2.17 -8.01 14.07
CA ILE A 90 -2.36 -8.99 13.00
C ILE A 90 -1.11 -9.24 12.15
N ALA A 91 -0.34 -8.20 11.88
CA ALA A 91 0.85 -8.35 11.04
C ALA A 91 1.80 -9.40 11.63
N GLY A 92 2.04 -9.28 12.93
CA GLY A 92 2.90 -10.22 13.63
C GLY A 92 2.25 -11.58 13.77
N LEU A 93 0.98 -11.62 14.15
CA LEU A 93 0.28 -12.89 14.28
C LEU A 93 0.31 -13.70 12.97
N MSE A 94 0.26 -13.04 11.81
CA MSE A 94 0.33 -13.79 10.55
C MSE A 94 1.66 -14.56 10.40
O MSE A 94 1.70 -15.62 9.76
CB MSE A 94 0.04 -12.92 9.33
CG MSE A 94 -1.46 -12.73 9.05
SE MSE A 94 -2.40 -14.38 8.50
CE MSE A 94 -0.94 -15.34 7.67
N MSE A 95 2.73 -14.05 10.98
CA MSE A 95 4.00 -14.77 10.91
C MSE A 95 3.89 -16.10 11.66
O MSE A 95 4.50 -17.11 11.26
CB MSE A 95 5.15 -13.93 11.45
CG MSE A 95 5.53 -12.76 10.55
SE MSE A 95 6.22 -13.39 8.85
CE MSE A 95 7.84 -14.27 9.47
N LEU A 96 3.12 -16.10 12.76
CA LEU A 96 2.92 -17.31 13.56
C LEU A 96 2.08 -18.34 12.83
N VAL A 97 1.02 -17.87 12.19
CA VAL A 97 0.15 -18.73 11.38
C VAL A 97 0.92 -19.40 10.26
N ARG A 98 1.67 -18.60 9.49
CA ARG A 98 2.53 -19.15 8.44
C ARG A 98 3.47 -20.19 9.04
N GLY A 99 4.12 -19.82 10.13
CA GLY A 99 5.01 -20.72 10.84
C GLY A 99 4.40 -22.06 11.19
N MSE A 100 3.16 -22.06 11.67
CA MSE A 100 2.52 -23.30 12.08
C MSE A 100 1.95 -24.08 10.91
O MSE A 100 1.94 -25.30 10.91
CB MSE A 100 1.44 -23.04 13.12
CG MSE A 100 1.97 -22.70 14.50
SE MSE A 100 0.48 -22.37 15.67
CE MSE A 100 -0.26 -20.78 14.82
N GLU A 101 1.45 -23.35 9.91
CA GLU A 101 0.90 -24.01 8.74
C GLU A 101 1.98 -24.60 7.84
N LEU A 102 3.14 -23.96 7.82
CA LEU A 102 4.19 -24.27 6.84
C LEU A 102 5.40 -24.95 7.48
N ASP A 103 5.31 -25.19 8.79
CA ASP A 103 6.37 -25.86 9.55
C ASP A 103 7.68 -25.04 9.52
N TRP A 104 7.61 -23.79 9.93
CA TRP A 104 8.82 -23.00 10.00
C TRP A 104 9.40 -23.07 11.40
N GLU A 105 10.69 -22.79 11.52
CA GLU A 105 11.26 -22.45 12.81
C GLU A 105 11.05 -20.95 13.02
N LEU A 106 10.34 -20.58 14.09
CA LEU A 106 10.08 -19.16 14.34
C LEU A 106 11.01 -18.60 15.41
N THR A 107 11.70 -17.51 15.07
CA THR A 107 12.46 -16.75 16.04
C THR A 107 11.74 -15.45 16.34
N VAL A 108 11.14 -15.36 17.51
CA VAL A 108 10.32 -14.21 17.83
C VAL A 108 11.13 -13.22 18.64
N THR A 109 11.18 -11.98 18.16
CA THR A 109 11.89 -10.92 18.87
C THR A 109 10.94 -9.78 19.21
N GLU A 110 11.32 -8.94 20.17
CA GLU A 110 10.50 -7.79 20.53
C GLU A 110 10.56 -6.80 19.38
N PRO A 111 9.40 -6.25 19.01
CA PRO A 111 9.40 -5.41 17.81
C PRO A 111 10.14 -4.11 18.13
N THR A 112 11.16 -3.81 17.32
CA THR A 112 11.95 -2.59 17.45
C THR A 112 12.29 -2.13 16.04
N ALA A 113 12.96 -0.98 15.95
CA ALA A 113 13.30 -0.38 14.65
C ALA A 113 14.36 -1.21 13.93
N ASN A 114 15.21 -1.86 14.71
CA ASN A 114 16.28 -2.68 14.14
C ASN A 114 16.24 -4.09 14.67
N PRO A 115 15.57 -4.98 13.94
CA PRO A 115 15.39 -6.39 14.32
C PRO A 115 16.70 -7.19 14.44
N LEU A 116 17.78 -6.72 13.82
CA LEU A 116 19.05 -7.43 13.86
C LEU A 116 19.95 -6.92 14.97
N ALA A 117 19.59 -5.78 15.53
CA ALA A 117 20.48 -5.08 16.46
C ALA A 117 20.83 -5.91 17.68
N GLY A 118 19.84 -6.64 18.20
CA GLY A 118 20.04 -7.36 19.45
C GLY A 118 20.62 -8.76 19.34
N LEU A 119 20.58 -9.35 18.15
CA LEU A 119 21.02 -10.73 18.02
C LEU A 119 22.08 -10.94 16.96
N ASP A 120 23.27 -11.35 17.38
CA ASP A 120 24.28 -11.76 16.42
C ASP A 120 24.18 -13.26 16.12
N HIS A 121 24.88 -13.68 15.08
CA HIS A 121 24.70 -15.02 14.55
C HIS A 121 23.33 -15.16 13.90
N ALA A 122 22.72 -14.01 13.59
CA ALA A 122 21.49 -13.97 12.82
C ALA A 122 21.70 -14.75 11.54
N ASP A 123 20.76 -15.64 11.20
CA ASP A 123 20.82 -16.36 9.94
C ASP A 123 19.44 -16.90 9.57
N PHE A 124 18.72 -16.16 8.74
CA PHE A 124 17.33 -16.50 8.44
C PHE A 124 17.09 -16.78 6.97
N ASP A 125 15.94 -17.38 6.68
CA ASP A 125 15.52 -17.66 5.32
C ASP A 125 14.42 -16.72 4.90
N PHE A 126 13.81 -16.06 5.88
CA PHE A 126 12.68 -15.22 5.61
C PHE A 126 12.39 -14.26 6.77
N VAL A 127 12.07 -13.04 6.43
CA VAL A 127 11.61 -12.09 7.43
C VAL A 127 10.58 -11.15 6.82
N ALA A 128 9.53 -10.83 7.58
CA ALA A 128 8.61 -9.79 7.14
C ALA A 128 8.82 -8.58 8.02
N MSE A 129 8.85 -7.39 7.43
CA MSE A 129 9.10 -6.20 8.23
C MSE A 129 8.54 -4.97 7.54
O MSE A 129 8.03 -5.06 6.42
CB MSE A 129 10.60 -6.07 8.52
CG MSE A 129 11.48 -5.79 7.33
SE MSE A 129 13.40 -5.72 7.82
CE MSE A 129 13.57 -7.44 8.68
N VAL A 130 8.58 -3.84 8.24
CA VAL A 130 8.17 -2.59 7.61
C VAL A 130 9.41 -1.93 7.03
N PRO A 131 9.21 -1.04 6.05
CA PRO A 131 10.34 -0.43 5.33
C PRO A 131 11.33 0.27 6.24
N MSE A 132 10.82 0.97 7.26
CA MSE A 132 11.70 1.64 8.20
C MSE A 132 12.63 0.67 8.93
O MSE A 132 13.76 1.01 9.30
CB MSE A 132 10.89 2.42 9.23
CG MSE A 132 11.66 3.55 9.80
SE MSE A 132 10.51 4.78 10.75
CE MSE A 132 9.94 5.92 9.27
N GLN A 133 12.15 -0.55 9.16
CA GLN A 133 13.01 -1.54 9.81
C GLN A 133 14.19 -1.94 8.91
N LEU A 134 13.94 -2.06 7.61
CA LEU A 134 15.02 -2.42 6.71
C LEU A 134 15.99 -1.25 6.57
N GLN A 135 15.46 -0.04 6.52
CA GLN A 135 16.30 1.14 6.39
CA GLN A 135 16.33 1.11 6.38
C GLN A 135 17.20 1.28 7.62
N SER A 136 16.66 0.91 8.79
CA SER A 136 17.40 1.02 10.06
C SER A 136 18.57 0.05 10.07
N ILE A 137 18.31 -1.18 9.66
CA ILE A 137 19.35 -2.18 9.53
C ILE A 137 20.46 -1.68 8.60
N LEU A 138 20.07 -1.08 7.48
CA LEU A 138 21.03 -0.59 6.49
C LEU A 138 21.84 0.63 6.95
N GLU A 139 21.28 1.42 7.87
CA GLU A 139 21.94 2.64 8.31
C GLU A 139 22.89 2.41 9.49
N ASN A 140 22.57 1.40 10.28
CA ASN A 140 23.31 1.10 11.48
C ASN A 140 24.50 0.19 11.15
N SER A 141 25.69 0.78 11.14
CA SER A 141 26.88 0.08 10.63
C SER A 141 27.32 -1.10 11.48
N ALA A 142 26.55 -1.39 12.53
CA ALA A 142 26.77 -2.59 13.32
C ALA A 142 25.92 -3.72 12.75
N THR A 143 24.92 -3.36 11.96
CA THR A 143 24.01 -4.35 11.39
C THR A 143 23.99 -4.32 9.87
N SER A 144 24.45 -3.22 9.27
CA SER A 144 24.35 -3.11 7.82
C SER A 144 25.07 -4.25 7.11
N GLY A 145 26.20 -4.68 7.67
CA GLY A 145 26.99 -5.73 7.04
C GLY A 145 26.32 -7.09 7.07
N GLN A 146 25.27 -7.21 7.88
CA GLN A 146 24.57 -8.48 8.03
C GLN A 146 23.17 -8.46 7.41
N VAL A 147 22.85 -7.42 6.65
CA VAL A 147 21.50 -7.32 6.07
C VAL A 147 21.12 -8.56 5.24
N ASP A 148 22.09 -9.19 4.60
CA ASP A 148 21.79 -10.36 3.78
C ASP A 148 21.45 -11.62 4.62
N ARG A 149 21.81 -11.62 5.90
CA ARG A 149 21.44 -12.71 6.79
CA ARG A 149 21.44 -12.71 6.79
C ARG A 149 19.92 -12.81 6.97
N LEU A 150 19.19 -11.81 6.47
CA LEU A 150 17.73 -11.88 6.46
C LEU A 150 17.20 -12.93 5.47
N GLY A 151 18.03 -13.32 4.49
CA GLY A 151 17.63 -14.32 3.49
C GLY A 151 16.74 -13.76 2.38
N LYS A 152 15.50 -13.47 2.72
CA LYS A 152 14.59 -12.86 1.75
C LYS A 152 13.55 -12.05 2.52
N VAL A 153 13.29 -10.83 2.04
CA VAL A 153 12.52 -9.87 2.83
C VAL A 153 11.18 -9.52 2.19
N LEU A 154 10.12 -9.64 2.97
CA LEU A 154 8.81 -9.13 2.56
C LEU A 154 8.51 -7.85 3.34
N LEU A 155 8.33 -6.74 2.61
CA LEU A 155 8.01 -5.48 3.23
C LEU A 155 6.50 -5.22 3.22
N GLY A 156 5.97 -4.72 4.34
CA GLY A 156 4.61 -4.23 4.43
C GLY A 156 4.57 -2.70 4.38
N GLY A 157 3.58 -2.07 5.01
CA GLY A 157 3.52 -0.60 5.10
C GLY A 157 3.46 0.14 3.75
N ALA A 158 3.72 1.44 3.76
CA ALA A 158 3.57 2.28 2.55
C ALA A 158 4.65 1.92 1.52
N PRO A 159 4.37 2.11 0.22
CA PRO A 159 5.39 1.86 -0.80
C PRO A 159 6.68 2.61 -0.42
N VAL A 160 7.78 1.90 -0.58
CA VAL A 160 9.11 2.36 -0.20
C VAL A 160 9.49 3.69 -0.84
N ASN A 161 10.15 4.57 -0.09
CA ASN A 161 10.59 5.84 -0.68
C ASN A 161 11.80 5.67 -1.60
N HIS A 162 12.10 6.72 -2.37
CA HIS A 162 13.12 6.65 -3.41
C HIS A 162 14.51 6.21 -2.91
N ALA A 163 14.98 6.83 -1.83
CA ALA A 163 16.28 6.46 -1.26
C ALA A 163 16.35 5.00 -0.78
N LEU A 164 15.29 4.49 -0.17
CA LEU A 164 15.32 3.11 0.27
C LEU A 164 15.18 2.18 -0.96
N ALA A 165 14.38 2.60 -1.94
CA ALA A 165 14.27 1.81 -3.17
C ALA A 165 15.64 1.66 -3.86
N MSE A 166 16.40 2.74 -3.92
CA MSE A 166 17.75 2.69 -4.51
C MSE A 166 18.70 1.75 -3.76
O MSE A 166 19.49 1.04 -4.38
CB MSE A 166 18.37 4.09 -4.61
CG MSE A 166 17.71 5.00 -5.64
SE MSE A 166 18.12 4.48 -7.47
CE MSE A 166 16.40 4.88 -8.31
N GLN A 167 18.63 1.76 -2.43
CA GLN A 167 19.41 0.83 -1.59
C GLN A 167 19.02 -0.64 -1.80
N ILE A 168 17.72 -0.90 -1.90
CA ILE A 168 17.22 -2.25 -2.09
C ILE A 168 17.66 -2.79 -3.45
N SER A 169 17.68 -1.93 -4.46
CA SER A 169 18.11 -2.32 -5.81
C SER A 169 19.51 -2.88 -5.82
N ASP A 170 20.33 -2.47 -4.87
CA ASP A 170 21.71 -2.92 -4.84
C ASP A 170 21.99 -4.12 -3.93
N LEU A 171 20.95 -4.66 -3.29
CA LEU A 171 21.11 -5.81 -2.42
C LEU A 171 21.04 -7.11 -3.20
N ALA A 172 22.03 -7.98 -3.00
CA ALA A 172 22.01 -9.33 -3.57
C ALA A 172 21.11 -10.25 -2.75
N MSE A 173 19.85 -9.88 -2.63
CA MSE A 173 18.87 -10.59 -1.81
C MSE A 173 17.47 -10.24 -2.26
O MSE A 173 17.15 -9.06 -2.42
CB MSE A 173 19.02 -10.16 -0.35
CG MSE A 173 17.85 -10.59 0.50
SE MSE A 173 18.09 -10.27 2.41
CE MSE A 173 18.15 -8.32 2.35
N PRO A 174 16.60 -11.25 -2.44
CA PRO A 174 15.23 -10.99 -2.90
C PRO A 174 14.44 -10.15 -1.92
N VAL A 175 13.91 -9.00 -2.37
CA VAL A 175 13.05 -8.16 -1.55
C VAL A 175 11.75 -7.87 -2.30
N TYR A 176 10.62 -8.03 -1.59
CA TYR A 176 9.30 -7.87 -2.16
C TYR A 176 8.52 -6.89 -1.31
N GLN A 177 7.46 -6.32 -1.86
CA GLN A 177 6.55 -5.50 -1.07
C GLN A 177 5.11 -5.97 -1.29
N SER A 178 4.34 -6.05 -0.21
CA SER A 178 2.96 -6.54 -0.25
C SER A 178 1.98 -5.47 -0.71
N TYR A 179 0.92 -5.90 -1.37
CA TYR A 179 -0.28 -5.08 -1.49
C TYR A 179 -1.40 -5.86 -0.79
N GLY A 180 -2.09 -5.24 0.15
CA GLY A 180 -3.15 -5.91 0.86
C GLY A 180 -3.91 -4.95 1.75
N MSE A 181 -4.83 -5.48 2.54
CA MSE A 181 -5.61 -4.69 3.47
C MSE A 181 -6.15 -5.63 4.55
O MSE A 181 -6.12 -6.86 4.37
CB MSE A 181 -6.75 -4.03 2.71
CG MSE A 181 -7.72 -5.04 2.11
SE MSE A 181 -8.30 -4.61 0.28
CE MSE A 181 -6.57 -4.57 -0.61
N THR A 182 -6.66 -5.09 5.64
CA THR A 182 -7.19 -5.95 6.70
C THR A 182 -8.32 -6.83 6.17
N GLU A 183 -9.17 -6.29 5.29
CA GLU A 183 -10.27 -7.06 4.70
C GLU A 183 -9.81 -8.29 3.89
N THR A 184 -8.54 -8.33 3.55
CA THR A 184 -8.01 -9.50 2.85
C THR A 184 -7.07 -10.28 3.77
N VAL A 185 -7.21 -10.00 5.06
CA VAL A 185 -6.34 -10.51 6.13
C VAL A 185 -4.94 -9.94 6.01
N SER A 186 -4.25 -10.33 4.94
CA SER A 186 -2.90 -9.87 4.64
C SER A 186 -2.80 -9.53 3.14
N HIS A 187 -1.69 -9.92 2.52
CA HIS A 187 -1.45 -9.54 1.14
C HIS A 187 -2.30 -10.32 0.13
N VAL A 188 -2.62 -9.70 -1.02
CA VAL A 188 -3.24 -10.39 -2.14
C VAL A 188 -2.36 -10.29 -3.39
N ALA A 189 -1.27 -9.53 -3.28
CA ALA A 189 -0.35 -9.35 -4.41
C ALA A 189 1.03 -8.92 -3.93
N LEU A 190 2.05 -9.14 -4.77
CA LEU A 190 3.44 -8.84 -4.39
C LEU A 190 4.21 -8.12 -5.50
N LYS A 191 4.92 -7.06 -5.13
CA LYS A 191 5.81 -6.33 -6.04
C LYS A 191 7.27 -6.78 -5.84
N ALA A 192 7.99 -7.02 -6.92
CA ALA A 192 9.43 -7.32 -6.78
C ALA A 192 10.21 -6.02 -6.76
N LEU A 193 11.00 -5.80 -5.71
CA LEU A 193 11.71 -4.51 -5.60
C LEU A 193 13.16 -4.56 -6.08
N ASN A 194 13.66 -5.73 -6.40
CA ASN A 194 15.00 -5.82 -6.99
C ASN A 194 15.14 -7.08 -7.83
N GLY A 195 16.32 -7.32 -8.39
CA GLY A 195 16.51 -8.45 -9.29
C GLY A 195 16.05 -8.06 -10.68
N PRO A 196 16.26 -8.94 -11.67
CA PRO A 196 15.95 -8.53 -13.04
C PRO A 196 14.45 -8.39 -13.27
N GLU A 197 13.60 -8.93 -12.38
CA GLU A 197 12.16 -8.77 -12.55
C GLU A 197 11.55 -7.59 -11.77
N ALA A 198 12.40 -6.73 -11.20
CA ALA A 198 11.93 -5.57 -10.45
C ALA A 198 10.99 -4.71 -11.31
N SER A 199 9.88 -4.27 -10.75
CA SER A 199 8.97 -3.43 -11.50
C SER A 199 7.88 -2.81 -10.65
N GLU A 200 7.04 -2.01 -11.28
CA GLU A 200 5.95 -1.37 -10.57
C GLU A 200 4.73 -2.27 -10.41
N LEU A 201 4.75 -3.44 -11.05
CA LEU A 201 3.58 -4.32 -11.04
C LEU A 201 3.47 -5.08 -9.73
N TYR A 202 2.25 -5.15 -9.20
CA TYR A 202 1.96 -6.09 -8.14
C TYR A 202 1.39 -7.35 -8.80
N VAL A 203 2.03 -8.49 -8.57
CA VAL A 203 1.57 -9.75 -9.14
C VAL A 203 0.64 -10.47 -8.16
N PHE A 204 -0.58 -10.75 -8.61
CA PHE A 204 -1.59 -11.41 -7.77
C PHE A 204 -1.14 -12.77 -7.24
N LEU A 205 -1.31 -12.97 -5.93
CA LEU A 205 -1.06 -14.27 -5.31
C LEU A 205 -2.04 -15.31 -5.85
N PRO A 206 -1.64 -16.59 -5.83
CA PRO A 206 -2.53 -17.63 -6.37
C PRO A 206 -3.78 -17.75 -5.52
N GLY A 207 -4.93 -18.00 -6.15
CA GLY A 207 -6.17 -18.17 -5.42
C GLY A 207 -6.96 -16.88 -5.29
N ILE A 208 -6.35 -15.77 -5.69
CA ILE A 208 -7.05 -14.49 -5.71
C ILE A 208 -7.76 -14.31 -7.05
N GLN A 209 -9.06 -14.01 -7.00
CA GLN A 209 -9.79 -13.62 -8.21
C GLN A 209 -9.83 -12.09 -8.21
N TYR A 210 -9.71 -11.49 -9.39
CA TYR A 210 -9.51 -10.03 -9.49
C TYR A 210 -10.20 -9.46 -10.72
N GLY A 211 -10.46 -8.16 -10.69
CA GLY A 211 -11.12 -7.48 -11.80
C GLY A 211 -11.29 -6.02 -11.41
N VAL A 212 -11.93 -5.22 -12.26
CA VAL A 212 -12.21 -3.83 -11.93
C VAL A 212 -13.71 -3.54 -12.07
N ASP A 213 -14.21 -2.57 -11.31
CA ASP A 213 -15.58 -2.14 -11.47
C ASP A 213 -15.64 -1.13 -12.61
N GLU A 214 -16.78 -0.46 -12.76
CA GLU A 214 -17.00 0.46 -13.87
C GLU A 214 -16.11 1.70 -13.83
N ARG A 215 -15.50 1.96 -12.67
CA ARG A 215 -14.62 3.11 -12.51
C ARG A 215 -13.19 2.77 -12.91
N GLY A 216 -12.91 1.48 -13.05
CA GLY A 216 -11.57 1.00 -13.25
C GLY A 216 -10.84 0.72 -11.94
N CYS A 217 -11.58 0.59 -10.84
CA CYS A 217 -11.00 0.34 -9.53
C CYS A 217 -10.95 -1.16 -9.18
N LEU A 218 -9.85 -1.59 -8.57
CA LEU A 218 -9.61 -2.99 -8.30
C LEU A 218 -10.61 -3.57 -7.31
N HIS A 219 -11.16 -4.73 -7.64
CA HIS A 219 -11.80 -5.56 -6.63
C HIS A 219 -11.17 -6.95 -6.56
N ILE A 220 -11.15 -7.54 -5.38
CA ILE A 220 -10.57 -8.86 -5.22
C ILE A 220 -11.45 -9.75 -4.36
N SER A 221 -11.30 -11.06 -4.54
CA SER A 221 -12.03 -12.04 -3.75
C SER A 221 -11.24 -13.35 -3.73
N GLY A 222 -11.47 -14.15 -2.70
CA GLY A 222 -10.78 -15.43 -2.52
C GLY A 222 -11.16 -16.06 -1.19
N ALA A 223 -10.57 -17.23 -0.88
CA ALA A 223 -10.74 -17.81 0.44
C ALA A 223 -10.34 -16.79 1.50
N VAL A 224 -9.34 -15.95 1.23
CA VAL A 224 -8.96 -14.97 2.26
C VAL A 224 -10.04 -13.94 2.57
N THR A 225 -11.01 -13.78 1.67
CA THR A 225 -12.14 -12.88 1.92
C THR A 225 -13.46 -13.61 2.21
N ASN A 226 -13.39 -14.90 2.50
CA ASN A 226 -14.59 -15.72 2.68
C ASN A 226 -15.45 -15.69 1.42
N GLY A 227 -14.77 -15.60 0.27
CA GLY A 227 -15.43 -15.63 -1.02
C GLY A 227 -16.22 -14.39 -1.38
N GLN A 228 -16.21 -13.40 -0.50
CA GLN A 228 -16.90 -12.16 -0.76
C GLN A 228 -15.96 -11.19 -1.47
N THR A 229 -16.46 -10.49 -2.49
CA THR A 229 -15.58 -9.61 -3.23
C THR A 229 -15.42 -8.29 -2.48
N VAL A 230 -14.19 -7.81 -2.43
CA VAL A 230 -13.85 -6.56 -1.76
C VAL A 230 -13.56 -5.53 -2.85
N GLN A 231 -14.27 -4.41 -2.81
CA GLN A 231 -14.11 -3.35 -3.80
C GLN A 231 -13.20 -2.27 -3.24
N THR A 232 -12.04 -2.05 -3.86
CA THR A 232 -11.15 -0.97 -3.40
C THR A 232 -11.55 0.33 -4.09
N ASN A 233 -10.90 1.42 -3.70
CA ASN A 233 -11.04 2.66 -4.45
C ASN A 233 -9.71 2.96 -5.15
N ASP A 234 -8.91 1.92 -5.38
CA ASP A 234 -7.67 2.06 -6.13
C ASP A 234 -7.88 1.90 -7.64
N LEU A 235 -7.71 2.99 -8.37
CA LEU A 235 -7.65 2.94 -9.83
C LEU A 235 -6.40 2.16 -10.28
N VAL A 236 -6.60 1.14 -11.12
CA VAL A 236 -5.51 0.27 -11.53
C VAL A 236 -5.59 -0.05 -13.02
N GLU A 237 -4.49 -0.54 -13.57
CA GLU A 237 -4.54 -1.17 -14.88
C GLU A 237 -4.07 -2.59 -14.70
N ILE A 238 -4.93 -3.55 -15.03
CA ILE A 238 -4.55 -4.96 -14.96
C ILE A 238 -3.76 -5.39 -16.21
N HIS A 239 -2.72 -6.18 -16.00
CA HIS A 239 -1.92 -6.73 -17.10
C HIS A 239 -1.68 -8.23 -16.84
N GLY A 240 -2.47 -9.08 -17.46
CA GLY A 240 -2.40 -10.49 -17.13
C GLY A 240 -2.64 -10.65 -15.63
N ASN A 241 -1.89 -11.52 -14.98
CA ASN A 241 -2.10 -11.77 -13.55
C ASN A 241 -1.41 -10.79 -12.59
N ALA A 242 -1.43 -9.51 -12.92
CA ALA A 242 -0.74 -8.49 -12.16
C ALA A 242 -1.41 -7.15 -12.42
N PHE A 243 -1.11 -6.14 -11.61
CA PHE A 243 -1.68 -4.84 -11.87
C PHE A 243 -0.72 -3.72 -11.56
N GLN A 244 -0.98 -2.58 -12.18
CA GLN A 244 -0.25 -1.39 -11.89
C GLN A 244 -1.21 -0.43 -11.22
N TRP A 245 -0.77 0.15 -10.12
CA TRP A 245 -1.60 1.15 -9.44
C TRP A 245 -1.46 2.49 -10.18
N ILE A 246 -2.60 3.11 -10.48
CA ILE A 246 -2.64 4.35 -11.26
C ILE A 246 -2.93 5.55 -10.36
N GLY A 247 -3.90 5.39 -9.44
CA GLY A 247 -4.32 6.50 -8.60
C GLY A 247 -5.69 6.32 -7.94
N ARG A 248 -6.39 7.43 -7.70
CA ARG A 248 -7.76 7.42 -7.19
C ARG A 248 -8.75 7.87 -8.26
N ALA A 249 -9.85 7.13 -8.40
CA ALA A 249 -10.71 7.23 -9.59
C ALA A 249 -11.09 8.66 -10.01
N ASP A 250 -11.51 9.46 -9.04
CA ASP A 250 -12.04 10.78 -9.30
C ASP A 250 -10.93 11.81 -9.48
N ASN A 251 -9.69 11.37 -9.37
CA ASN A 251 -8.57 12.30 -9.49
C ASN A 251 -7.78 12.15 -10.80
N VAL A 252 -8.18 11.19 -11.63
CA VAL A 252 -7.47 10.90 -12.88
C VAL A 252 -8.47 10.89 -14.03
N ILE A 253 -8.15 11.60 -15.11
CA ILE A 253 -9.03 11.56 -16.27
C ILE A 253 -8.27 10.98 -17.46
N ASN A 254 -9.01 10.59 -18.49
CA ASN A 254 -8.39 10.07 -19.69
C ASN A 254 -8.82 10.92 -20.87
N SER A 255 -7.90 11.73 -21.36
CA SER A 255 -8.14 12.65 -22.46
C SER A 255 -7.34 12.20 -23.67
N GLY A 256 -8.02 11.72 -24.71
CA GLY A 256 -7.36 11.21 -25.90
C GLY A 256 -6.33 10.14 -25.61
N GLY A 257 -6.63 9.24 -24.66
CA GLY A 257 -5.70 8.20 -24.24
C GLY A 257 -4.55 8.66 -23.37
N VAL A 258 -4.49 9.95 -23.06
CA VAL A 258 -3.47 10.45 -22.14
C VAL A 258 -4.06 10.62 -20.72
N LYS A 259 -3.50 9.91 -19.74
CA LYS A 259 -4.00 10.01 -18.38
C LYS A 259 -3.44 11.26 -17.70
N ILE A 260 -4.32 12.04 -17.10
CA ILE A 260 -3.95 13.29 -16.44
C ILE A 260 -4.47 13.31 -15.01
N VAL A 261 -3.57 13.58 -14.07
CA VAL A 261 -3.92 13.63 -12.64
C VAL A 261 -4.34 15.06 -12.31
N LEU A 262 -5.57 15.25 -11.84
CA LEU A 262 -6.09 16.61 -11.71
C LEU A 262 -5.29 17.49 -10.75
N ASP A 263 -4.93 16.96 -9.59
CA ASP A 263 -4.22 17.77 -8.61
C ASP A 263 -2.80 18.10 -9.08
N GLN A 264 -2.24 17.25 -9.93
CA GLN A 264 -0.91 17.54 -10.49
C GLN A 264 -0.98 18.66 -11.51
N ILE A 265 -1.98 18.62 -12.38
CA ILE A 265 -2.12 19.71 -13.33
C ILE A 265 -2.46 21.00 -12.59
N ASP A 266 -3.24 20.88 -11.50
CA ASP A 266 -3.58 22.04 -10.68
C ASP A 266 -2.32 22.71 -10.12
N GLN A 267 -1.37 21.90 -9.65
CA GLN A 267 -0.13 22.44 -9.07
C GLN A 267 0.66 23.20 -10.14
N ARG A 268 0.69 22.66 -11.35
CA ARG A 268 1.35 23.32 -12.47
C ARG A 268 0.71 24.65 -12.85
N ILE A 269 -0.62 24.70 -12.87
CA ILE A 269 -1.32 25.95 -13.11
C ILE A 269 -1.18 26.94 -11.96
N ALA A 270 -1.10 26.42 -10.73
CA ALA A 270 -0.93 27.28 -9.57
C ALA A 270 0.35 28.12 -9.68
N ALA A 271 1.44 27.50 -10.13
CA ALA A 271 2.69 28.25 -10.32
C ALA A 271 2.50 29.40 -11.33
N VAL A 272 1.62 29.19 -12.31
CA VAL A 272 1.31 30.23 -13.27
C VAL A 272 0.53 31.38 -12.61
N PHE A 273 -0.53 31.04 -11.88
CA PHE A 273 -1.29 32.04 -11.14
C PHE A 273 -0.39 32.87 -10.22
N HIS A 274 0.40 32.19 -9.39
CA HIS A 274 1.29 32.88 -8.46
C HIS A 274 2.20 33.84 -9.22
N HIS A 275 2.76 33.35 -10.32
CA HIS A 275 3.67 34.14 -11.14
C HIS A 275 3.02 35.38 -11.74
N LEU A 276 1.70 35.31 -11.96
CA LEU A 276 0.94 36.44 -12.50
C LEU A 276 0.18 37.20 -11.41
N ASN A 277 0.36 36.79 -10.16
CA ASN A 277 -0.33 37.43 -9.04
C ASN A 277 -1.86 37.44 -9.20
N ILE A 278 -2.41 36.29 -9.58
CA ILE A 278 -3.85 36.13 -9.67
C ILE A 278 -4.35 35.49 -8.39
N GLY A 279 -5.18 36.20 -7.64
CA GLY A 279 -5.66 35.73 -6.35
C GLY A 279 -6.94 34.92 -6.45
N ASN A 280 -7.55 34.93 -7.63
CA ASN A 280 -8.78 34.17 -7.86
C ASN A 280 -8.57 32.70 -7.56
N ALA A 281 -9.53 32.09 -6.89
CA ALA A 281 -9.44 30.65 -6.66
C ALA A 281 -9.70 29.97 -8.00
N PHE A 282 -9.27 28.72 -8.13
CA PHE A 282 -9.49 27.99 -9.36
C PHE A 282 -9.38 26.49 -9.09
N PHE A 283 -9.90 25.69 -10.01
CA PHE A 283 -9.61 24.26 -9.99
C PHE A 283 -9.76 23.71 -11.38
N CYS A 284 -8.86 22.78 -11.73
CA CYS A 284 -9.01 22.04 -12.96
C CYS A 284 -10.14 21.04 -12.79
N TRP A 285 -10.84 20.78 -13.88
CA TRP A 285 -11.93 19.80 -13.86
C TRP A 285 -12.02 19.20 -15.26
N TRP A 286 -13.14 18.57 -15.56
CA TRP A 286 -13.26 17.91 -16.86
C TRP A 286 -14.71 17.85 -17.29
N GLU A 287 -14.92 17.58 -18.57
CA GLU A 287 -16.28 17.34 -19.03
C GLU A 287 -16.27 16.28 -20.12
N PRO A 288 -17.40 15.62 -20.31
CA PRO A 288 -17.47 14.59 -21.36
C PRO A 288 -17.16 15.24 -22.70
N ASP A 289 -16.44 14.54 -23.56
CA ASP A 289 -16.14 15.01 -24.89
C ASP A 289 -16.11 13.83 -25.85
N ALA A 290 -16.87 13.92 -26.94
CA ALA A 290 -16.97 12.81 -27.89
C ALA A 290 -15.60 12.41 -28.43
N LYS A 291 -14.76 13.39 -28.71
CA LYS A 291 -13.46 13.12 -29.32
C LYS A 291 -12.43 12.59 -28.33
N LEU A 292 -12.32 13.27 -27.19
CA LEU A 292 -11.27 12.99 -26.22
C LEU A 292 -11.68 12.03 -25.11
N GLY A 293 -12.98 11.82 -24.95
CA GLY A 293 -13.51 11.04 -23.84
C GLY A 293 -13.80 11.98 -22.69
N GLN A 294 -12.73 12.45 -22.05
CA GLN A 294 -12.82 13.47 -21.01
C GLN A 294 -11.93 14.66 -21.42
N LYS A 295 -12.50 15.86 -21.36
CA LYS A 295 -11.81 17.07 -21.78
C LYS A 295 -11.45 17.88 -20.54
N LEU A 296 -10.17 18.14 -20.36
CA LEU A 296 -9.69 18.91 -19.22
C LEU A 296 -10.18 20.34 -19.40
N VAL A 297 -10.69 20.94 -18.32
CA VAL A 297 -11.09 22.34 -18.35
C VAL A 297 -10.58 23.06 -17.11
N LEU A 298 -10.67 24.39 -17.12
CA LEU A 298 -10.25 25.19 -15.98
C LEU A 298 -11.42 26.05 -15.49
N VAL A 299 -11.64 26.04 -14.17
CA VAL A 299 -12.71 26.81 -13.55
C VAL A 299 -12.11 27.85 -12.60
N ILE A 300 -12.50 29.10 -12.77
CA ILE A 300 -11.95 30.22 -12.00
C ILE A 300 -13.09 30.96 -11.30
N GLU A 301 -12.86 31.40 -10.08
CA GLU A 301 -13.86 32.14 -9.30
C GLU A 301 -13.76 33.64 -9.54
N ASN A 302 -14.90 34.27 -9.88
CA ASN A 302 -14.94 35.69 -10.22
C ASN A 302 -14.31 35.99 -11.58
N ALA A 303 -14.91 36.90 -12.33
CA ALA A 303 -14.42 37.25 -13.66
C ALA A 303 -13.06 37.93 -13.58
N MSE A 304 -12.30 37.85 -14.67
CA MSE A 304 -11.03 38.54 -14.79
C MSE A 304 -11.07 39.39 -16.05
O MSE A 304 -11.83 39.09 -16.97
CB MSE A 304 -9.87 37.56 -14.87
CG MSE A 304 -9.92 36.41 -13.89
SE MSE A 304 -8.25 35.38 -13.88
CE MSE A 304 -7.79 35.52 -15.76
N PRO A 305 -10.25 40.45 -16.10
CA PRO A 305 -10.17 41.30 -17.30
C PRO A 305 -9.61 40.52 -18.48
N GLU A 306 -10.14 40.78 -19.67
CA GLU A 306 -9.75 40.05 -20.88
C GLU A 306 -8.23 39.99 -21.03
N ALA A 307 -7.55 41.09 -20.71
CA ALA A 307 -6.10 41.21 -20.85
C ALA A 307 -5.38 40.17 -20.00
N LEU A 308 -5.77 40.06 -18.74
CA LEU A 308 -5.15 39.13 -17.81
C LEU A 308 -5.51 37.69 -18.17
N THR A 309 -6.73 37.49 -18.65
CA THR A 309 -7.14 36.16 -19.11
C THR A 309 -6.26 35.68 -20.27
N GLU A 310 -5.93 36.60 -21.17
CA GLU A 310 -5.03 36.31 -22.30
C GLU A 310 -3.62 35.99 -21.84
N ARG A 311 -3.07 36.78 -20.92
CA ARG A 311 -1.77 36.47 -20.33
C ARG A 311 -1.82 35.07 -19.71
N LEU A 312 -2.88 34.80 -18.97
CA LEU A 312 -2.99 33.54 -18.25
C LEU A 312 -2.98 32.38 -19.23
N THR A 313 -3.86 32.47 -20.22
CA THR A 313 -3.99 31.45 -21.23
C THR A 313 -2.64 31.14 -21.89
N ALA A 314 -1.93 32.19 -22.29
CA ALA A 314 -0.65 32.03 -22.97
C ALA A 314 0.43 31.43 -22.07
N GLU A 315 0.53 31.91 -20.84
CA GLU A 315 1.52 31.39 -19.91
C GLU A 315 1.30 29.91 -19.62
N ILE A 316 0.05 29.50 -19.49
CA ILE A 316 -0.29 28.10 -19.24
C ILE A 316 0.15 27.25 -20.42
N ARG A 317 -0.19 27.71 -21.62
CA ARG A 317 0.12 26.98 -22.84
C ARG A 317 1.63 26.80 -23.06
N SER A 318 2.44 27.68 -22.45
CA SER A 318 3.89 27.62 -22.59
C SER A 318 4.54 26.68 -21.59
N ARG A 319 3.78 26.27 -20.58
CA ARG A 319 4.29 25.48 -19.48
C ARG A 319 3.91 23.98 -19.58
N VAL A 320 2.92 23.68 -20.42
CA VAL A 320 2.44 22.30 -20.53
C VAL A 320 2.18 21.95 -22.00
N SER A 321 2.21 20.66 -22.30
CA SER A 321 1.84 20.17 -23.62
C SER A 321 0.41 20.56 -23.98
N THR A 322 0.16 20.76 -25.27
CA THR A 322 -1.20 21.00 -25.73
C THR A 322 -2.13 19.89 -25.24
N TYR A 323 -1.62 18.68 -25.09
CA TYR A 323 -2.48 17.58 -24.66
C TYR A 323 -2.90 17.69 -23.19
N GLU A 324 -2.14 18.45 -22.39
CA GLU A 324 -2.45 18.62 -20.95
C GLU A 324 -2.88 20.05 -20.59
N ASN A 325 -3.18 20.84 -21.61
CA ASN A 325 -3.63 22.22 -21.49
C ASN A 325 -5.17 22.23 -21.39
N PRO A 326 -5.72 22.92 -20.37
CA PRO A 326 -7.18 23.04 -20.26
C PRO A 326 -7.78 23.57 -21.57
N LYS A 327 -8.84 22.94 -22.07
CA LYS A 327 -9.37 23.28 -23.39
C LYS A 327 -10.43 24.37 -23.35
N HIS A 328 -10.77 24.78 -22.14
CA HIS A 328 -11.73 25.85 -21.95
C HIS A 328 -11.55 26.40 -20.55
N ILE A 329 -11.81 27.69 -20.40
CA ILE A 329 -11.76 28.31 -19.09
C ILE A 329 -13.16 28.82 -18.76
N TYR A 330 -13.73 28.28 -17.68
CA TYR A 330 -15.05 28.71 -17.22
C TYR A 330 -14.87 29.65 -16.05
N PHE A 331 -15.70 30.69 -16.00
CA PHE A 331 -15.68 31.61 -14.86
C PHE A 331 -16.97 31.46 -14.09
N ALA A 332 -16.87 31.28 -12.78
CA ALA A 332 -18.04 31.20 -11.91
C ALA A 332 -18.09 32.39 -10.98
N LYS A 333 -19.29 32.93 -10.77
CA LYS A 333 -19.46 34.06 -9.86
C LYS A 333 -19.03 33.70 -8.45
N ALA A 334 -19.46 32.52 -7.99
CA ALA A 334 -19.06 32.02 -6.68
C ALA A 334 -18.98 30.49 -6.69
N PHE A 335 -17.90 29.96 -6.11
CA PHE A 335 -17.76 28.51 -6.00
C PHE A 335 -18.73 28.00 -4.94
N ALA A 336 -19.37 26.88 -5.23
CA ALA A 336 -20.20 26.19 -4.25
C ALA A 336 -19.33 25.61 -3.16
N LYS A 337 -19.81 25.66 -1.93
CA LYS A 337 -19.01 25.16 -0.82
C LYS A 337 -19.76 24.15 0.03
N THR A 338 -19.03 23.14 0.52
CA THR A 338 -19.59 22.12 1.37
C THR A 338 -19.91 22.70 2.76
N GLN A 339 -20.26 21.83 3.70
CA GLN A 339 -20.53 22.28 5.05
C GLN A 339 -19.23 22.48 5.83
N THR A 340 -18.16 21.90 5.30
CA THR A 340 -16.84 22.04 5.89
C THR A 340 -16.04 23.19 5.25
N ASP A 341 -16.72 23.96 4.40
CA ASP A 341 -16.15 25.11 3.69
C ASP A 341 -15.13 24.72 2.61
N LYS A 342 -15.33 23.54 2.04
CA LYS A 342 -14.50 23.09 0.94
C LYS A 342 -15.24 23.33 -0.36
N ILE A 343 -14.51 23.63 -1.43
CA ILE A 343 -15.11 23.78 -2.74
C ILE A 343 -15.84 22.48 -3.09
N ASP A 344 -17.13 22.58 -3.34
CA ASP A 344 -17.84 21.46 -3.96
C ASP A 344 -17.62 21.62 -5.46
N LYS A 345 -16.62 20.94 -5.99
CA LYS A 345 -16.27 21.09 -7.40
C LYS A 345 -17.36 20.59 -8.33
N ARG A 346 -17.87 19.39 -8.03
CA ARG A 346 -18.96 18.81 -8.80
C ARG A 346 -20.20 19.72 -8.86
N ALA A 347 -20.61 20.26 -7.71
CA ALA A 347 -21.78 21.14 -7.66
C ALA A 347 -21.50 22.44 -8.40
N THR A 348 -20.31 22.98 -8.18
CA THR A 348 -19.86 24.18 -8.88
C THR A 348 -19.97 24.00 -10.39
N PHE A 349 -19.55 22.83 -10.88
CA PHE A 349 -19.53 22.62 -12.32
C PHE A 349 -20.94 22.54 -12.92
N GLN A 350 -21.81 21.78 -12.29
CA GLN A 350 -23.21 21.66 -12.73
C GLN A 350 -23.88 23.02 -12.83
N LYS A 351 -23.59 23.88 -11.86
CA LYS A 351 -24.19 25.21 -11.82
C LYS A 351 -23.83 26.00 -13.08
N LEU A 352 -22.60 25.84 -13.55
CA LEU A 352 -22.15 26.54 -14.73
C LEU A 352 -23.12 26.43 -15.91
N SER A 353 -24.03 25.46 -15.83
CA SER A 353 -25.07 25.31 -16.84
C SER A 353 -26.29 26.19 -16.54
I IOD B . 13.35 9.96 -0.30
I IOD C . -12.60 3.07 13.20
I IOD D . 12.23 4.67 5.64
I IOD E . -0.51 -6.50 3.64
I IOD F . -8.62 6.95 -16.03
I IOD G . -15.66 16.88 4.51
I IOD H . -9.20 -3.21 21.78
I IOD I . -11.20 -3.27 23.25
I IOD J . 19.42 -15.23 16.45
I IOD K . -17.95 35.76 -13.13
I IOD L . 19.65 3.57 12.63
I IOD M . 10.09 -26.66 16.12
C1 EDO N . 3.91 -3.61 13.76
O1 EDO N . 3.11 -4.40 12.87
C2 EDO N . 5.30 -4.23 13.93
O2 EDO N . 6.27 -3.22 14.24
C1 EDO O . 3.26 -7.85 4.56
O1 EDO O . 2.21 -8.82 4.40
C2 EDO O . 3.91 -8.04 5.93
O2 EDO O . 5.16 -7.34 5.96
C1 EDO P . -7.54 27.02 -4.41
O1 EDO P . -7.46 27.73 -5.65
C2 EDO P . -8.66 27.58 -3.54
O2 EDO P . -8.28 28.90 -3.18
C1 EDO Q . -13.54 9.26 12.22
O1 EDO Q . -12.51 9.75 11.35
C2 EDO Q . -12.90 8.91 13.56
O2 EDO Q . -13.25 7.55 13.89
C1 EDO R . -22.25 29.80 -12.43
O1 EDO R . -22.96 28.83 -11.65
C2 EDO R . -21.77 30.90 -11.51
O2 EDO R . -21.30 32.00 -12.31
C1 EDO S . 2.20 -18.12 -7.67
O1 EDO S . 2.79 -19.35 -7.24
C2 EDO S . 3.05 -16.93 -7.23
O2 EDO S . 2.40 -15.69 -7.57
C1 EDO T . 6.61 -23.83 -0.53
O1 EDO T . 7.76 -24.39 -1.17
C2 EDO T . 5.59 -24.91 -0.19
O2 EDO T . 4.32 -24.32 0.11
C1 EDO U . -7.62 -15.13 19.33
O1 EDO U . -9.02 -14.86 19.59
C2 EDO U . -6.78 -14.52 20.44
O2 EDO U . -5.57 -15.26 20.62
C1 EDO V . 3.60 -7.12 26.36
O1 EDO V . 2.27 -6.91 25.87
C2 EDO V . 4.39 -5.82 26.29
O2 EDO V . 5.65 -5.99 26.95
C1 EDO W . 7.44 3.87 6.34
O1 EDO W . 8.80 4.30 6.21
C2 EDO W . 7.36 2.35 6.50
O2 EDO W . 7.94 1.91 7.74
C1 EDO X . -2.13 -21.65 -3.03
O1 EDO X . -1.05 -22.19 -2.27
C2 EDO X . -2.80 -20.58 -2.18
O2 EDO X . -3.91 -20.00 -2.90
C1 EDO Y . 2.45 12.28 -19.81
O1 EDO Y . 1.95 10.97 -20.07
C2 EDO Y . 1.80 12.86 -18.57
O2 EDO Y . 2.54 14.01 -18.16
#